data_4HO6
#
_entry.id   4HO6
#
_cell.length_a   91.541
_cell.length_b   91.541
_cell.length_c   67.584
_cell.angle_alpha   90.000
_cell.angle_beta   90.000
_cell.angle_gamma   90.000
#
_symmetry.space_group_name_H-M   'P 42 21 2'
#
loop_
_entity.id
_entity.type
_entity.pdbx_description
1 polymer 'Glucose-1-phosphate thymidylyltransferase'
2 non-polymer "URIDINE-5'-DIPHOSPHATE-GLUCOSE"
3 non-polymer "URIDINE 5'-TRIPHOSPHATE"
4 non-polymer 'SULFATE ION'
5 water water
#
_entity_poly.entity_id   1
_entity_poly.type   'polypeptide(L)'
_entity_poly.pdbx_seq_one_letter_code
;MKGIILSGGSGTRLYPLTKVVSKQLLPVYDKPMVYYPLSVLMLAGIKDILIISTPEDTPRFEQLLGGGSELGISLSYAVQ
SSPDGLAQAFIIGEEFIGDDNVALVLGDNIFYGHGFTELLQRAANRKSGATIFGYNVKDPQRFGVVEFDEKGKVISIEEK
PEEPKSSYAVTGLYFYDNRVVDIAKNITPSARGELEITDVNKAYLELGELHVELLGRGFAWLDTGTHESLLQASQFIETI
EKRQSLKVACLEEIAYRMGYISREQLIKLAEPLMKNEYGQYLMNLAHRSKDLVTVEG
;
_entity_poly.pdbx_strand_id   A
#
# COMPACT_ATOMS: atom_id res chain seq x y z
N MET A 1 -4.77 4.52 -14.20
CA MET A 1 -4.94 4.21 -12.75
C MET A 1 -4.12 5.18 -11.89
N LYS A 2 -4.78 5.88 -10.99
CA LYS A 2 -4.07 6.68 -10.00
C LYS A 2 -3.91 5.81 -8.77
N GLY A 3 -3.24 6.34 -7.75
CA GLY A 3 -3.06 5.57 -6.55
C GLY A 3 -3.15 6.47 -5.33
N ILE A 4 -3.65 5.93 -4.23
CA ILE A 4 -3.65 6.64 -2.96
C ILE A 4 -2.96 5.80 -1.90
N ILE A 5 -2.14 6.45 -1.06
CA ILE A 5 -1.61 5.76 0.08
C ILE A 5 -2.22 6.38 1.30
N LEU A 6 -3.06 5.60 2.02
CA LEU A 6 -3.59 6.11 3.27
C LEU A 6 -2.61 5.92 4.43
N SER A 7 -2.07 7.04 4.90
CA SER A 7 -0.90 6.97 5.76
C SER A 7 -1.07 7.88 6.96
N GLY A 8 -2.27 7.84 7.59
CA GLY A 8 -2.52 8.67 8.77
C GLY A 8 -2.66 7.83 10.05
N GLY A 9 -3.66 8.16 10.87
CA GLY A 9 -3.91 7.47 12.15
C GLY A 9 -2.96 8.00 13.23
N SER A 10 -3.31 7.76 14.49
CA SER A 10 -2.39 8.10 15.62
C SER A 10 -1.21 7.12 15.87
N GLY A 11 -1.42 5.83 15.62
CA GLY A 11 -0.37 4.82 15.91
C GLY A 11 -0.10 4.67 17.42
N THR A 12 -1.16 4.79 18.24
CA THR A 12 -1.01 4.71 19.72
C THR A 12 -0.31 3.47 20.24
N ARG A 13 -0.56 2.33 19.61
CA ARG A 13 0.05 1.07 20.06
C ARG A 13 1.57 1.17 20.05
N LEU A 14 2.12 2.03 19.20
CA LEU A 14 3.57 2.15 19.09
C LEU A 14 4.17 3.25 19.99
N TYR A 15 3.33 3.95 20.75
CA TYR A 15 3.80 5.00 21.69
C TYR A 15 4.93 4.45 22.56
N PRO A 16 6.00 5.24 22.78
CA PRO A 16 6.26 6.65 22.41
C PRO A 16 6.93 6.86 21.06
N LEU A 17 7.02 5.84 20.22
CA LEU A 17 7.71 6.02 18.92
C LEU A 17 6.90 7.00 18.11
N THR A 18 5.61 7.02 18.37
CA THR A 18 4.67 7.85 17.60
C THR A 18 4.22 9.03 18.45
N LYS A 19 5.00 9.34 19.49
CA LYS A 19 4.62 10.46 20.37
C LYS A 19 4.48 11.74 19.58
N VAL A 20 5.42 12.01 18.67
CA VAL A 20 5.24 13.14 17.79
C VAL A 20 4.79 12.71 16.36
N VAL A 21 5.39 11.66 15.79
CA VAL A 21 5.19 11.39 14.35
C VAL A 21 4.39 10.14 14.04
N SER A 22 3.94 10.06 12.79
CA SER A 22 3.14 8.93 12.33
C SER A 22 3.96 7.66 12.25
N LYS A 23 3.29 6.56 12.43
CA LYS A 23 3.97 5.25 12.33
C LYS A 23 4.65 4.99 10.98
N GLN A 24 4.08 5.54 9.91
CA GLN A 24 4.61 5.24 8.56
C GLN A 24 5.86 5.99 8.18
N LEU A 25 6.36 6.83 9.09
CA LEU A 25 7.67 7.47 8.93
C LEU A 25 8.79 6.66 9.63
N LEU A 26 8.40 5.65 10.40
CA LEU A 26 9.40 4.83 11.16
C LEU A 26 10.14 3.86 10.22
N PRO A 27 11.39 3.45 10.60
CA PRO A 27 12.17 2.51 9.77
C PRO A 27 11.56 1.12 9.74
N VAL A 28 11.65 0.50 8.59
CA VAL A 28 11.55 -0.95 8.48
C VAL A 28 12.86 -1.41 7.88
N TYR A 29 13.75 -1.71 8.81
CA TYR A 29 15.11 -2.08 8.59
C TYR A 29 15.95 -0.92 8.09
N ASP A 30 15.88 -0.65 6.80
CA ASP A 30 16.85 0.21 6.19
C ASP A 30 16.18 1.33 5.41
N LYS A 31 14.85 1.40 5.45
CA LYS A 31 14.15 2.56 4.80
C LYS A 31 12.83 2.82 5.47
N PRO A 32 12.27 4.03 5.30
CA PRO A 32 11.05 4.39 6.04
C PRO A 32 9.91 3.49 5.61
N MET A 33 8.99 3.24 6.54
CA MET A 33 7.93 2.29 6.30
C MET A 33 7.17 2.63 5.00
N VAL A 34 6.90 3.90 4.76
CA VAL A 34 6.03 4.33 3.65
C VAL A 34 6.64 3.96 2.27
N TYR A 35 7.97 3.78 2.20
CA TYR A 35 8.60 3.35 0.93
C TYR A 35 7.98 2.04 0.43
N TYR A 36 7.60 1.16 1.35
CA TYR A 36 7.15 -0.16 0.93
C TYR A 36 5.82 -0.12 0.14
N PRO A 37 4.74 0.45 0.73
CA PRO A 37 3.54 0.59 -0.09
C PRO A 37 3.71 1.51 -1.29
N LEU A 38 4.48 2.59 -1.16
CA LEU A 38 4.77 3.40 -2.36
C LEU A 38 5.39 2.53 -3.51
N SER A 39 6.36 1.67 -3.18
CA SER A 39 6.97 0.87 -4.21
C SER A 39 5.97 -0.09 -4.86
N VAL A 40 4.96 -0.53 -4.10
CA VAL A 40 3.97 -1.41 -4.66
C VAL A 40 3.08 -0.71 -5.70
N LEU A 41 2.64 0.52 -5.40
CA LEU A 41 1.91 1.30 -6.43
C LEU A 41 2.80 1.52 -7.66
N MET A 42 4.06 1.88 -7.43
CA MET A 42 4.97 2.12 -8.56
C MET A 42 5.13 0.85 -9.44
N LEU A 43 5.32 -0.32 -8.81
CA LEU A 43 5.44 -1.58 -9.57
C LEU A 43 4.17 -1.99 -10.26
N ALA A 44 3.04 -1.46 -9.77
CA ALA A 44 1.74 -1.70 -10.46
C ALA A 44 1.60 -0.89 -11.75
N GLY A 45 2.59 -0.02 -12.01
CA GLY A 45 2.51 0.93 -13.14
C GLY A 45 1.78 2.21 -12.83
N ILE A 46 1.59 2.51 -11.57
CA ILE A 46 0.82 3.69 -11.20
C ILE A 46 1.76 4.82 -10.93
N LYS A 47 1.58 5.96 -11.63
CA LYS A 47 2.53 7.04 -11.55
C LYS A 47 1.99 8.35 -10.99
N ASP A 48 0.72 8.37 -10.65
CA ASP A 48 0.11 9.61 -10.16
C ASP A 48 -0.54 9.25 -8.84
N ILE A 49 0.07 9.71 -7.74
CA ILE A 49 -0.23 9.14 -6.42
C ILE A 49 -0.44 10.24 -5.40
N LEU A 50 -1.48 10.03 -4.56
CA LEU A 50 -1.84 10.93 -3.49
C LEU A 50 -1.54 10.26 -2.18
N ILE A 51 -0.83 10.96 -1.31
CA ILE A 51 -0.54 10.48 0.03
C ILE A 51 -1.32 11.30 1.02
N ILE A 52 -2.15 10.60 1.81
CA ILE A 52 -3.02 11.20 2.80
C ILE A 52 -2.45 10.91 4.20
N SER A 53 -2.28 11.95 5.00
CA SER A 53 -1.90 11.74 6.39
C SER A 53 -2.59 12.74 7.34
N THR A 54 -2.15 12.76 8.58
CA THR A 54 -2.68 13.69 9.58
C THR A 54 -2.24 15.15 9.26
N PRO A 55 -2.89 16.12 9.90
CA PRO A 55 -2.48 17.52 9.77
C PRO A 55 -0.98 17.72 10.08
N GLU A 56 -0.51 17.09 11.15
CA GLU A 56 0.87 17.33 11.62
C GLU A 56 1.89 16.52 10.83
N ASP A 57 1.49 15.35 10.32
CA ASP A 57 2.46 14.52 9.59
C ASP A 57 2.48 14.69 8.07
N THR A 58 1.40 15.20 7.50
CA THR A 58 1.36 15.31 6.03
C THR A 58 2.57 16.08 5.47
N PRO A 59 2.98 17.21 6.11
CA PRO A 59 4.20 17.91 5.63
C PRO A 59 5.48 17.12 5.80
N ARG A 60 5.50 16.19 6.76
CA ARG A 60 6.69 15.39 7.00
C ARG A 60 6.86 14.32 5.91
N PHE A 61 5.73 13.78 5.46
CA PHE A 61 5.80 12.88 4.28
C PHE A 61 6.24 13.67 3.03
N GLU A 62 5.74 14.88 2.89
CA GLU A 62 6.13 15.71 1.78
C GLU A 62 7.63 16.01 1.82
N GLN A 63 8.18 16.30 2.99
CA GLN A 63 9.59 16.59 3.06
C GLN A 63 10.35 15.34 2.73
N LEU A 64 9.89 14.19 3.21
CA LEU A 64 10.66 12.95 3.00
C LEU A 64 10.65 12.55 1.53
N LEU A 65 9.47 12.59 0.94
CA LEU A 65 9.27 11.99 -0.40
C LEU A 65 9.33 12.97 -1.56
N GLY A 66 9.01 14.24 -1.31
CA GLY A 66 9.01 15.28 -2.38
C GLY A 66 7.85 15.11 -3.37
N GLY A 67 7.94 15.79 -4.52
CA GLY A 67 6.85 15.77 -5.49
C GLY A 67 6.96 14.66 -6.52
N GLY A 68 8.02 13.85 -6.41
CA GLY A 68 8.13 12.62 -7.22
C GLY A 68 8.91 12.74 -8.53
N SER A 69 9.22 13.95 -8.95
CA SER A 69 9.83 14.13 -10.29
C SER A 69 11.13 13.39 -10.44
N GLU A 70 11.87 13.22 -9.35
CA GLU A 70 13.12 12.50 -9.55
C GLU A 70 12.89 10.97 -9.76
N LEU A 71 11.68 10.49 -9.44
CA LEU A 71 11.36 9.07 -9.61
C LEU A 71 10.56 8.95 -10.92
N GLY A 72 10.31 10.09 -11.55
CA GLY A 72 9.54 10.16 -12.78
C GLY A 72 8.02 9.97 -12.55
N ILE A 73 7.56 10.28 -11.33
CA ILE A 73 6.15 10.13 -11.02
C ILE A 73 5.63 11.44 -10.42
N SER A 74 4.35 11.48 -10.07
CA SER A 74 3.76 12.67 -9.40
C SER A 74 3.25 12.25 -8.07
N LEU A 75 3.80 12.84 -7.02
CA LEU A 75 3.26 12.68 -5.66
C LEU A 75 2.51 13.94 -5.27
N SER A 76 1.29 13.77 -4.73
CA SER A 76 0.50 14.87 -4.19
C SER A 76 0.19 14.53 -2.75
N TYR A 77 -0.23 15.53 -1.96
CA TYR A 77 -0.49 15.32 -0.56
C TYR A 77 -1.87 15.92 -0.15
N ALA A 78 -2.53 15.28 0.80
CA ALA A 78 -3.77 15.81 1.36
C ALA A 78 -3.86 15.38 2.80
N VAL A 79 -4.60 16.16 3.58
CA VAL A 79 -4.73 15.93 4.98
C VAL A 79 -6.05 15.23 5.28
N GLN A 80 -6.00 14.26 6.19
CA GLN A 80 -7.20 13.71 6.77
C GLN A 80 -7.34 14.30 8.16
N SER A 81 -8.41 15.11 8.40
CA SER A 81 -8.59 15.76 9.74
C SER A 81 -8.72 14.80 10.91
N SER A 82 -9.46 13.71 10.68
CA SER A 82 -9.68 12.66 11.70
C SER A 82 -9.72 11.30 10.99
N PRO A 83 -9.23 10.25 11.66
CA PRO A 83 -9.15 8.93 10.99
C PRO A 83 -10.50 8.24 10.99
N ASP A 84 -11.41 8.72 10.13
CA ASP A 84 -12.82 8.29 10.22
C ASP A 84 -13.07 7.15 9.25
N GLY A 85 -11.99 6.50 8.80
CA GLY A 85 -12.15 5.24 8.10
C GLY A 85 -11.40 5.17 6.79
N LEU A 86 -11.10 3.96 6.36
CA LEU A 86 -10.33 3.77 5.15
C LEU A 86 -11.05 4.39 3.96
N ALA A 87 -12.36 4.17 3.89
CA ALA A 87 -13.14 4.60 2.73
C ALA A 87 -13.16 6.13 2.58
N GLN A 88 -12.77 6.85 3.63
CA GLN A 88 -12.79 8.29 3.54
C GLN A 88 -11.67 8.72 2.60
N ALA A 89 -10.76 7.80 2.30
CA ALA A 89 -9.69 8.09 1.33
C ALA A 89 -10.24 8.58 -0.01
N PHE A 90 -11.37 8.01 -0.42
CA PHE A 90 -11.96 8.34 -1.73
C PHE A 90 -12.74 9.64 -1.71
N ILE A 91 -13.15 10.08 -0.53
CA ILE A 91 -13.87 11.32 -0.39
C ILE A 91 -12.81 12.44 -0.35
N ILE A 92 -11.83 12.28 0.55
CA ILE A 92 -10.69 13.16 0.58
C ILE A 92 -10.04 13.32 -0.79
N GLY A 93 -9.88 12.19 -1.49
CA GLY A 93 -9.23 12.20 -2.78
C GLY A 93 -10.17 12.39 -3.98
N GLU A 94 -11.43 12.77 -3.75
CA GLU A 94 -12.36 12.89 -4.87
C GLU A 94 -11.81 13.77 -6.00
N GLU A 95 -11.33 14.96 -5.67
CA GLU A 95 -10.79 15.88 -6.71
C GLU A 95 -9.65 15.24 -7.46
N PHE A 96 -8.71 14.67 -6.70
CA PHE A 96 -7.53 14.00 -7.26
C PHE A 96 -7.94 12.88 -8.26
N ILE A 97 -8.88 12.04 -7.83
CA ILE A 97 -9.25 10.85 -8.61
C ILE A 97 -9.95 11.27 -9.94
N GLY A 98 -10.80 12.29 -9.87
CA GLY A 98 -11.57 12.71 -11.08
C GLY A 98 -12.37 11.54 -11.63
N ASP A 99 -12.27 11.28 -12.93
CA ASP A 99 -13.02 10.19 -13.50
C ASP A 99 -12.23 8.88 -13.63
N ASP A 100 -11.05 8.82 -13.00
CA ASP A 100 -10.08 7.73 -13.20
C ASP A 100 -10.41 6.54 -12.34
N ASN A 101 -9.86 5.39 -12.74
CA ASN A 101 -9.66 4.29 -11.82
C ASN A 101 -8.64 4.64 -10.73
N VAL A 102 -8.70 3.94 -9.60
CA VAL A 102 -7.82 4.31 -8.47
C VAL A 102 -7.53 3.10 -7.62
N ALA A 103 -6.28 2.97 -7.19
CA ALA A 103 -5.92 1.98 -6.17
C ALA A 103 -5.68 2.66 -4.84
N LEU A 104 -6.01 1.94 -3.77
CA LEU A 104 -5.70 2.38 -2.41
C LEU A 104 -4.76 1.39 -1.73
N VAL A 105 -3.74 1.89 -1.05
CA VAL A 105 -2.90 1.02 -0.26
C VAL A 105 -2.65 1.67 1.08
N LEU A 106 -2.61 0.84 2.11
CA LEU A 106 -2.33 1.28 3.46
C LEU A 106 -0.83 1.59 3.63
N GLY A 107 -0.56 2.76 4.21
CA GLY A 107 0.80 3.22 4.40
C GLY A 107 1.64 2.29 5.26
N ASP A 108 0.99 1.45 6.07
CA ASP A 108 1.71 0.54 6.97
C ASP A 108 1.72 -0.92 6.48
N ASN A 109 1.31 -1.18 5.26
CA ASN A 109 1.31 -2.57 4.73
C ASN A 109 2.56 -2.93 3.99
N ILE A 110 3.09 -4.12 4.22
CA ILE A 110 4.33 -4.52 3.52
C ILE A 110 4.04 -5.85 2.85
N PHE A 111 4.13 -5.89 1.53
CA PHE A 111 3.88 -7.08 0.75
C PHE A 111 5.20 -7.50 0.18
N TYR A 112 5.44 -8.80 0.06
CA TYR A 112 6.64 -9.25 -0.63
C TYR A 112 6.41 -10.63 -1.19
N GLY A 113 6.79 -10.83 -2.45
CA GLY A 113 6.83 -12.23 -2.97
C GLY A 113 7.11 -12.31 -4.43
N HIS A 114 7.64 -13.44 -4.87
CA HIS A 114 7.87 -13.69 -6.25
C HIS A 114 6.55 -13.65 -7.02
N GLY A 115 6.54 -12.96 -8.15
CA GLY A 115 5.35 -12.89 -9.06
C GLY A 115 4.33 -11.83 -8.66
N PHE A 116 4.66 -11.09 -7.62
CA PHE A 116 3.72 -10.10 -7.12
C PHE A 116 3.53 -8.98 -8.14
N THR A 117 4.58 -8.57 -8.82
CA THR A 117 4.45 -7.46 -9.76
C THR A 117 3.50 -7.82 -10.90
N GLU A 118 3.58 -9.05 -11.37
CA GLU A 118 2.60 -9.48 -12.38
C GLU A 118 1.13 -9.31 -11.89
N LEU A 119 0.87 -9.72 -10.66
CA LEU A 119 -0.48 -9.59 -10.10
C LEU A 119 -0.90 -8.11 -10.00
N LEU A 120 0.03 -7.27 -9.55
CA LEU A 120 -0.23 -5.86 -9.41
C LEU A 120 -0.58 -5.21 -10.73
N GLN A 121 0.27 -5.45 -11.73
CA GLN A 121 0.03 -4.92 -13.06
C GLN A 121 -1.30 -5.39 -13.68
N ARG A 122 -1.62 -6.65 -13.49
CA ARG A 122 -2.94 -7.16 -13.89
C ARG A 122 -4.14 -6.42 -13.24
N ALA A 123 -4.09 -6.23 -11.93
CA ALA A 123 -5.09 -5.44 -11.21
C ALA A 123 -5.15 -4.00 -11.72
N ALA A 124 -3.99 -3.37 -11.88
CA ALA A 124 -3.94 -1.99 -12.30
C ALA A 124 -4.45 -1.82 -13.73
N ASN A 125 -4.28 -2.85 -14.54
CA ASN A 125 -4.69 -2.81 -15.94
C ASN A 125 -6.16 -3.16 -16.18
N ARG A 126 -6.86 -3.57 -15.13
CA ARG A 126 -8.31 -3.79 -15.22
C ARG A 126 -9.03 -2.51 -15.55
N LYS A 127 -10.02 -2.57 -16.42
CA LYS A 127 -10.75 -1.35 -16.72
C LYS A 127 -12.06 -1.29 -15.94
N SER A 128 -12.45 -2.42 -15.37
CA SER A 128 -13.75 -2.51 -14.65
C SER A 128 -13.66 -3.40 -13.41
N GLY A 129 -14.40 -3.02 -12.39
CA GLY A 129 -14.54 -3.79 -11.19
C GLY A 129 -13.53 -3.41 -10.11
N ALA A 130 -13.33 -4.35 -9.18
CA ALA A 130 -12.43 -4.18 -8.02
C ALA A 130 -11.58 -5.43 -7.84
N THR A 131 -10.31 -5.24 -7.50
CA THR A 131 -9.45 -6.38 -7.11
C THR A 131 -9.03 -6.18 -5.64
N ILE A 132 -9.24 -7.22 -4.84
CA ILE A 132 -8.69 -7.29 -3.49
C ILE A 132 -7.69 -8.44 -3.41
N PHE A 133 -6.94 -8.50 -2.33
CA PHE A 133 -5.85 -9.43 -2.19
C PHE A 133 -5.99 -10.19 -0.87
N GLY A 134 -6.29 -11.49 -0.95
CA GLY A 134 -6.54 -12.26 0.25
C GLY A 134 -5.29 -13.01 0.71
N TYR A 135 -5.18 -13.27 2.01
CA TYR A 135 -3.92 -13.86 2.57
C TYR A 135 -4.27 -14.66 3.80
N ASN A 136 -3.81 -15.91 3.83
CA ASN A 136 -4.15 -16.81 4.93
C ASN A 136 -3.45 -16.30 6.20
N VAL A 137 -4.20 -16.13 7.30
CA VAL A 137 -3.64 -15.55 8.56
C VAL A 137 -4.08 -16.32 9.82
N LYS A 138 -3.33 -16.14 10.92
CA LYS A 138 -3.57 -16.92 12.14
C LYS A 138 -4.93 -16.58 12.77
N ASP A 139 -5.22 -15.31 12.84
CA ASP A 139 -6.40 -14.84 13.54
C ASP A 139 -7.23 -13.98 12.58
N PRO A 140 -7.95 -14.64 11.64
CA PRO A 140 -8.68 -13.89 10.60
C PRO A 140 -9.74 -12.97 11.17
N GLN A 141 -10.25 -13.30 12.35
CA GLN A 141 -11.27 -12.50 13.02
C GLN A 141 -10.78 -11.06 13.30
N ARG A 142 -9.49 -10.83 13.18
CA ARG A 142 -8.94 -9.47 13.38
C ARG A 142 -8.97 -8.58 12.13
N PHE A 143 -9.50 -9.11 11.01
CA PHE A 143 -9.37 -8.44 9.71
C PHE A 143 -10.67 -8.49 8.94
N GLY A 144 -10.69 -7.79 7.80
CA GLY A 144 -11.61 -8.18 6.71
C GLY A 144 -11.39 -9.63 6.29
N VAL A 145 -12.46 -10.37 6.12
CA VAL A 145 -12.35 -11.81 5.78
C VAL A 145 -13.09 -12.11 4.50
N VAL A 146 -12.39 -12.74 3.55
CA VAL A 146 -13.00 -13.09 2.25
C VAL A 146 -13.22 -14.60 2.17
N GLU A 147 -14.46 -14.97 1.82
CA GLU A 147 -14.85 -16.36 1.60
C GLU A 147 -15.01 -16.60 0.09
N PHE A 148 -14.37 -17.65 -0.46
CA PHE A 148 -14.39 -17.88 -1.92
C PHE A 148 -14.65 -19.34 -2.24
N ASP A 149 -15.08 -19.61 -3.47
CA ASP A 149 -15.44 -20.96 -3.87
C ASP A 149 -14.25 -21.66 -4.55
N GLU A 150 -14.52 -22.85 -5.08
CA GLU A 150 -13.45 -23.74 -5.50
C GLU A 150 -12.83 -23.27 -6.81
N LYS A 151 -13.49 -22.30 -7.47
CA LYS A 151 -12.92 -21.61 -8.65
C LYS A 151 -12.27 -20.27 -8.26
N GLY A 152 -12.14 -20.02 -6.94
CA GLY A 152 -11.55 -18.79 -6.42
C GLY A 152 -12.41 -17.55 -6.59
N LYS A 153 -13.72 -17.76 -6.64
CA LYS A 153 -14.62 -16.62 -6.80
C LYS A 153 -15.32 -16.28 -5.47
N VAL A 154 -15.55 -15.01 -5.23
CA VAL A 154 -15.97 -14.52 -3.88
C VAL A 154 -17.42 -14.85 -3.60
N ILE A 155 -17.67 -15.40 -2.43
CA ILE A 155 -19.05 -15.54 -2.01
C ILE A 155 -19.48 -14.62 -0.88
N SER A 156 -18.57 -14.29 0.05
CA SER A 156 -18.91 -13.26 1.04
C SER A 156 -17.66 -12.49 1.48
N ILE A 157 -17.87 -11.34 2.12
CA ILE A 157 -16.77 -10.55 2.73
C ILE A 157 -17.28 -9.79 3.93
N GLU A 158 -16.61 -9.95 5.07
CA GLU A 158 -17.14 -9.48 6.36
C GLU A 158 -16.02 -8.88 7.18
N GLU A 159 -16.31 -7.75 7.84
CA GLU A 159 -15.28 -7.04 8.60
C GLU A 159 -15.21 -7.61 10.00
N LYS A 160 -14.09 -8.25 10.31
CA LYS A 160 -13.83 -8.79 11.67
C LYS A 160 -15.01 -9.64 12.21
N PRO A 161 -15.43 -10.67 11.46
CA PRO A 161 -16.51 -11.57 11.88
C PRO A 161 -16.21 -12.29 13.19
N GLU A 162 -17.22 -12.42 14.03
CA GLU A 162 -17.11 -13.27 15.23
C GLU A 162 -16.71 -14.69 14.84
N GLU A 163 -17.24 -15.15 13.70
CA GLU A 163 -17.03 -16.50 13.20
C GLU A 163 -16.61 -16.48 11.73
N PRO A 164 -15.30 -16.35 11.49
CA PRO A 164 -14.78 -16.20 10.14
C PRO A 164 -15.15 -17.38 9.27
N LYS A 165 -15.67 -17.09 8.08
CA LYS A 165 -16.06 -18.12 7.12
C LYS A 165 -14.86 -18.63 6.30
N SER A 166 -13.69 -18.05 6.55
CA SER A 166 -12.46 -18.56 5.96
C SER A 166 -11.27 -18.08 6.75
N SER A 167 -10.10 -18.47 6.27
CA SER A 167 -8.85 -18.19 6.94
C SER A 167 -8.17 -16.98 6.26
N TYR A 168 -8.82 -16.43 5.22
CA TYR A 168 -8.11 -15.53 4.32
C TYR A 168 -8.51 -14.12 4.66
N ALA A 169 -7.55 -13.35 5.19
CA ALA A 169 -7.77 -11.91 5.42
C ALA A 169 -7.71 -11.10 4.15
N VAL A 170 -8.55 -10.05 4.08
CA VAL A 170 -8.47 -9.06 3.03
C VAL A 170 -7.44 -7.97 3.40
N THR A 171 -6.27 -8.01 2.74
CA THR A 171 -5.12 -7.21 3.06
C THR A 171 -5.38 -5.76 2.64
N GLY A 172 -4.51 -4.87 3.06
CA GLY A 172 -4.67 -3.41 2.78
C GLY A 172 -4.25 -2.92 1.43
N LEU A 173 -4.70 -3.60 0.37
CA LEU A 173 -4.39 -3.17 -0.95
C LEU A 173 -5.59 -3.45 -1.84
N TYR A 174 -6.06 -2.41 -2.51
CA TYR A 174 -7.35 -2.45 -3.25
C TYR A 174 -7.23 -1.71 -4.58
N PHE A 175 -7.83 -2.28 -5.63
CA PHE A 175 -7.84 -1.61 -6.93
C PHE A 175 -9.28 -1.44 -7.33
N TYR A 176 -9.65 -0.25 -7.80
CA TYR A 176 -11.04 0.05 -8.09
C TYR A 176 -11.23 0.77 -9.39
N ASP A 177 -12.40 0.57 -10.01
CA ASP A 177 -12.85 1.47 -11.07
C ASP A 177 -13.47 2.74 -10.46
N ASN A 178 -13.90 3.66 -11.32
CA ASN A 178 -14.24 4.98 -10.87
C ASN A 178 -15.52 5.01 -10.05
N ARG A 179 -16.28 3.92 -10.06
CA ARG A 179 -17.51 3.82 -9.25
C ARG A 179 -17.25 3.93 -7.77
N VAL A 180 -16.01 3.67 -7.35
CA VAL A 180 -15.69 3.74 -5.91
C VAL A 180 -16.00 5.11 -5.24
N VAL A 181 -15.81 6.21 -5.96
CA VAL A 181 -16.05 7.51 -5.35
C VAL A 181 -17.50 7.66 -4.90
N ASP A 182 -18.45 7.33 -5.76
CA ASP A 182 -19.87 7.47 -5.34
C ASP A 182 -20.31 6.40 -4.37
N ILE A 183 -19.69 5.22 -4.48
CA ILE A 183 -19.88 4.15 -3.49
C ILE A 183 -19.45 4.61 -2.12
N ALA A 184 -18.23 5.18 -2.03
CA ALA A 184 -17.74 5.69 -0.73
C ALA A 184 -18.62 6.78 -0.15
N LYS A 185 -19.13 7.65 -1.03
CA LYS A 185 -20.01 8.74 -0.61
C LYS A 185 -21.33 8.23 -0.07
N ASN A 186 -21.67 6.99 -0.42
CA ASN A 186 -23.03 6.48 -0.16
C ASN A 186 -23.11 5.40 0.87
N ILE A 187 -21.96 4.99 1.39
CA ILE A 187 -21.93 4.13 2.55
C ILE A 187 -22.01 4.98 3.82
N THR A 188 -22.37 4.35 4.93
CA THR A 188 -22.53 5.10 6.14
C THR A 188 -21.69 4.49 7.22
N PRO A 189 -21.41 5.27 8.27
CA PRO A 189 -20.43 4.85 9.25
C PRO A 189 -20.89 3.63 10.01
N SER A 190 -19.96 2.73 10.29
CA SER A 190 -20.26 1.54 11.09
C SER A 190 -20.49 1.92 12.55
N ALA A 191 -20.62 0.90 13.39
CA ALA A 191 -20.73 1.06 14.84
C ALA A 191 -19.46 1.62 15.50
N ARG A 192 -18.29 1.31 14.94
CA ARG A 192 -17.02 1.87 15.41
C ARG A 192 -16.89 3.30 14.89
N GLY A 193 -17.83 3.75 14.07
CA GLY A 193 -17.85 5.13 13.62
C GLY A 193 -16.91 5.41 12.44
N GLU A 194 -16.70 4.41 11.59
CA GLU A 194 -15.77 4.51 10.46
C GLU A 194 -16.47 4.17 9.16
N LEU A 195 -16.03 4.81 8.09
CA LEU A 195 -16.43 4.42 6.75
C LEU A 195 -15.54 3.23 6.36
N GLU A 196 -16.18 2.08 6.20
CA GLU A 196 -15.49 0.77 6.10
C GLU A 196 -15.10 0.41 4.69
N ILE A 197 -13.83 0.03 4.48
CA ILE A 197 -13.46 -0.46 3.14
C ILE A 197 -14.22 -1.75 2.80
N THR A 198 -14.54 -2.52 3.83
CA THR A 198 -15.37 -3.75 3.65
C THR A 198 -16.73 -3.47 3.03
N ASP A 199 -17.33 -2.32 3.39
CA ASP A 199 -18.64 -1.93 2.77
C ASP A 199 -18.47 -1.49 1.33
N VAL A 200 -17.33 -0.90 1.00
CA VAL A 200 -17.00 -0.63 -0.38
C VAL A 200 -16.91 -1.97 -1.11
N ASN A 201 -16.20 -2.92 -0.50
CA ASN A 201 -16.01 -4.21 -1.18
C ASN A 201 -17.31 -4.98 -1.33
N LYS A 202 -18.18 -4.82 -0.35
CA LYS A 202 -19.53 -5.39 -0.43
C LYS A 202 -20.31 -4.87 -1.63
N ALA A 203 -20.13 -3.59 -1.96
CA ALA A 203 -20.86 -2.98 -3.05
C ALA A 203 -20.42 -3.58 -4.37
N TYR A 204 -19.11 -3.81 -4.53
CA TYR A 204 -18.61 -4.40 -5.73
C TYR A 204 -19.02 -5.88 -5.85
N LEU A 205 -19.07 -6.59 -4.74
CA LEU A 205 -19.59 -7.96 -4.74
C LEU A 205 -21.06 -7.99 -5.26
N GLU A 206 -21.91 -7.14 -4.68
CA GLU A 206 -23.28 -6.97 -5.21
C GLU A 206 -23.32 -6.67 -6.69
N LEU A 207 -22.34 -5.91 -7.16
CA LEU A 207 -22.28 -5.52 -8.57
C LEU A 207 -21.75 -6.66 -9.43
N GLY A 208 -21.33 -7.76 -8.79
CA GLY A 208 -20.81 -8.94 -9.49
C GLY A 208 -19.43 -8.75 -10.11
N GLU A 209 -18.67 -7.78 -9.61
CA GLU A 209 -17.32 -7.57 -10.12
C GLU A 209 -16.28 -7.42 -9.01
N LEU A 210 -16.40 -8.21 -7.94
CA LEU A 210 -15.34 -8.23 -6.93
C LEU A 210 -14.42 -9.42 -7.21
N HIS A 211 -13.21 -9.13 -7.67
CA HIS A 211 -12.23 -10.15 -7.94
C HIS A 211 -11.24 -10.26 -6.78
N VAL A 212 -10.84 -11.48 -6.42
CA VAL A 212 -9.85 -11.69 -5.37
C VAL A 212 -8.63 -12.39 -5.98
N GLU A 213 -7.46 -11.82 -5.69
CA GLU A 213 -6.19 -12.41 -5.98
C GLU A 213 -5.74 -13.00 -4.63
N LEU A 214 -5.67 -14.34 -4.55
CA LEU A 214 -5.33 -15.02 -3.30
C LEU A 214 -3.82 -15.11 -3.24
N LEU A 215 -3.20 -14.58 -2.18
CA LEU A 215 -1.75 -14.64 -2.07
C LEU A 215 -1.34 -15.88 -1.27
N GLY A 216 -0.64 -16.80 -1.91
CA GLY A 216 -0.31 -18.03 -1.25
C GLY A 216 0.72 -17.85 -0.17
N ARG A 217 1.18 -18.96 0.40
CA ARG A 217 2.10 -18.86 1.53
C ARG A 217 3.52 -18.47 1.10
N GLY A 218 3.82 -18.50 -0.17
CA GLY A 218 5.12 -17.96 -0.59
C GLY A 218 5.24 -16.44 -0.55
N PHE A 219 4.12 -15.76 -0.32
CA PHE A 219 4.13 -14.31 -0.14
C PHE A 219 4.23 -13.97 1.32
N ALA A 220 4.79 -12.82 1.61
CA ALA A 220 4.81 -12.31 2.98
C ALA A 220 3.93 -11.06 3.00
N TRP A 221 2.99 -10.98 3.94
CA TRP A 221 2.20 -9.74 4.15
C TRP A 221 2.38 -9.40 5.62
N LEU A 222 3.23 -8.41 5.89
CA LEU A 222 3.87 -8.30 7.20
C LEU A 222 3.20 -7.34 8.12
N ASP A 223 3.24 -7.69 9.39
CA ASP A 223 2.50 -6.99 10.43
C ASP A 223 3.44 -5.87 10.91
N THR A 224 2.95 -4.62 10.96
CA THR A 224 3.77 -3.54 11.56
C THR A 224 3.07 -2.80 12.70
N GLY A 225 2.08 -3.43 13.32
CA GLY A 225 1.23 -2.73 14.27
C GLY A 225 1.77 -2.66 15.69
N THR A 226 2.66 -3.59 16.05
CA THR A 226 3.20 -3.61 17.40
C THR A 226 4.70 -3.44 17.32
N HIS A 227 5.33 -3.14 18.45
CA HIS A 227 6.76 -3.04 18.47
C HIS A 227 7.39 -4.38 18.07
N GLU A 228 6.81 -5.46 18.58
CA GLU A 228 7.27 -6.80 18.25
C GLU A 228 7.24 -7.07 16.74
N SER A 229 6.10 -6.77 16.14
CA SER A 229 5.89 -7.07 14.73
C SER A 229 6.68 -6.13 13.81
N LEU A 230 6.82 -4.86 14.21
CA LEU A 230 7.71 -3.96 13.51
C LEU A 230 9.09 -4.53 13.46
N LEU A 231 9.61 -5.00 14.59
CA LEU A 231 10.92 -5.58 14.62
C LEU A 231 11.00 -6.83 13.71
N GLN A 232 10.04 -7.75 13.80
CA GLN A 232 10.06 -8.95 12.93
C GLN A 232 10.09 -8.56 11.44
N ALA A 233 9.26 -7.58 11.08
CA ALA A 233 9.22 -7.08 9.72
C ALA A 233 10.60 -6.57 9.30
N SER A 234 11.30 -5.88 10.19
CA SER A 234 12.61 -5.35 9.82
C SER A 234 13.63 -6.46 9.63
N GLN A 235 13.56 -7.49 10.48
CA GLN A 235 14.47 -8.66 10.42
C GLN A 235 14.21 -9.47 9.13
N PHE A 236 12.96 -9.59 8.77
CA PHE A 236 12.58 -10.30 7.53
C PHE A 236 13.25 -9.59 6.33
N ILE A 237 13.09 -8.27 6.29
CA ILE A 237 13.68 -7.51 5.22
C ILE A 237 15.21 -7.67 5.21
N GLU A 238 15.82 -7.67 6.40
CA GLU A 238 17.29 -7.71 6.44
C GLU A 238 17.82 -9.04 5.85
N THR A 239 17.14 -10.12 6.17
CA THR A 239 17.60 -11.46 5.75
C THR A 239 17.55 -11.62 4.22
N ILE A 240 16.38 -11.30 3.65
CA ILE A 240 16.25 -11.11 2.21
C ILE A 240 17.35 -10.31 1.50
N GLU A 241 17.64 -9.11 1.99
CA GLU A 241 18.50 -8.20 1.29
C GLU A 241 19.99 -8.52 1.42
N LYS A 242 20.41 -8.98 2.57
CA LYS A 242 21.83 -9.15 2.81
C LYS A 242 22.35 -10.41 2.06
N ARG A 243 21.51 -11.43 1.96
CA ARG A 243 21.85 -12.59 1.15
C ARG A 243 22.03 -12.20 -0.32
N GLN A 244 21.05 -11.46 -0.86
CA GLN A 244 21.00 -11.17 -2.32
C GLN A 244 21.80 -10.00 -2.80
N SER A 245 22.11 -9.07 -1.91
CA SER A 245 22.68 -7.82 -2.43
C SER A 245 21.65 -7.14 -3.38
N LEU A 246 20.37 -7.44 -3.16
CA LEU A 246 19.23 -6.73 -3.81
C LEU A 246 18.28 -6.16 -2.77
N LYS A 247 17.77 -4.94 -3.02
CA LYS A 247 16.93 -4.27 -2.01
C LYS A 247 15.43 -4.40 -2.31
N VAL A 248 14.63 -4.40 -1.26
CA VAL A 248 13.17 -4.43 -1.40
C VAL A 248 12.71 -2.97 -1.30
N ALA A 249 11.92 -2.50 -2.27
CA ALA A 249 11.30 -1.14 -2.15
C ALA A 249 12.29 0.02 -2.20
N CYS A 250 13.36 -0.17 -2.98
CA CYS A 250 14.27 0.90 -3.29
C CYS A 250 13.59 1.68 -4.43
N LEU A 251 13.01 2.85 -4.10
CA LEU A 251 12.15 3.59 -5.03
C LEU A 251 12.89 3.96 -6.32
N GLU A 252 14.15 4.38 -6.19
CA GLU A 252 14.92 4.79 -7.35
C GLU A 252 15.16 3.60 -8.31
N GLU A 253 15.45 2.43 -7.73
CA GLU A 253 15.66 1.23 -8.54
C GLU A 253 14.37 0.91 -9.31
N ILE A 254 13.25 0.97 -8.60
CA ILE A 254 11.93 0.71 -9.19
C ILE A 254 11.61 1.65 -10.32
N ALA A 255 11.88 2.94 -10.11
CA ALA A 255 11.67 3.96 -11.16
C ALA A 255 12.44 3.64 -12.43
N TYR A 256 13.69 3.22 -12.27
CA TYR A 256 14.51 2.80 -13.40
C TYR A 256 13.99 1.51 -14.06
N ARG A 257 13.73 0.47 -13.28
CA ARG A 257 13.33 -0.79 -13.87
C ARG A 257 11.97 -0.66 -14.56
N MET A 258 11.11 0.25 -14.09
CA MET A 258 9.80 0.51 -14.72
C MET A 258 9.87 1.40 -15.91
N GLY A 259 11.07 1.89 -16.22
CA GLY A 259 11.26 2.87 -17.29
C GLY A 259 10.81 4.29 -16.98
N TYR A 260 10.56 4.62 -15.71
CA TYR A 260 10.08 5.97 -15.38
C TYR A 260 11.22 6.96 -15.48
N ILE A 261 12.42 6.45 -15.24
CA ILE A 261 13.60 7.27 -15.37
C ILE A 261 14.61 6.47 -16.17
N SER A 262 15.56 7.20 -16.76
CA SER A 262 16.59 6.57 -17.57
C SER A 262 17.81 6.12 -16.76
N ARG A 263 18.68 5.37 -17.41
CA ARG A 263 19.97 5.06 -16.81
C ARG A 263 20.77 6.30 -16.42
N GLU A 264 20.85 7.27 -17.34
CA GLU A 264 21.55 8.51 -17.06
C GLU A 264 20.92 9.21 -15.89
N GLN A 265 19.58 9.21 -15.83
CA GLN A 265 18.90 9.77 -14.65
C GLN A 265 19.22 9.05 -13.33
N LEU A 266 19.19 7.71 -13.33
CA LEU A 266 19.60 6.91 -12.16
C LEU A 266 21.02 7.26 -11.64
N ILE A 267 21.97 7.33 -12.56
CA ILE A 267 23.35 7.65 -12.17
C ILE A 267 23.35 9.00 -11.48
N LYS A 268 22.64 9.97 -12.05
CA LYS A 268 22.49 11.29 -11.40
C LYS A 268 22.00 11.23 -9.95
N LEU A 269 21.08 10.30 -9.68
CA LEU A 269 20.55 10.13 -8.33
C LEU A 269 21.58 9.48 -7.43
N ALA A 270 22.36 8.55 -7.96
CA ALA A 270 23.30 7.81 -7.12
C ALA A 270 24.43 8.73 -6.71
N GLU A 271 24.83 9.59 -7.62
CA GLU A 271 26.07 10.35 -7.44
C GLU A 271 26.23 11.12 -6.09
N PRO A 272 25.22 11.94 -5.71
CA PRO A 272 25.30 12.67 -4.44
C PRO A 272 25.17 11.77 -3.20
N LEU A 273 24.80 10.50 -3.39
CA LEU A 273 24.67 9.54 -2.28
C LEU A 273 25.81 8.53 -2.20
N MET A 274 26.89 8.75 -2.96
CA MET A 274 27.91 7.68 -3.11
C MET A 274 28.72 7.43 -1.84
N LYS A 275 28.58 8.31 -0.86
CA LYS A 275 29.23 8.11 0.45
C LYS A 275 28.49 7.09 1.31
N ASN A 276 27.29 6.69 0.90
CA ASN A 276 26.59 5.64 1.65
C ASN A 276 26.21 4.44 0.79
N GLU A 277 25.90 3.30 1.44
CA GLU A 277 25.63 2.03 0.73
C GLU A 277 24.42 2.06 -0.21
N TYR A 278 23.42 2.85 0.13
CA TYR A 278 22.23 3.03 -0.72
C TYR A 278 22.61 3.66 -2.06
N GLY A 279 23.40 4.74 -2.02
CA GLY A 279 23.93 5.34 -3.24
C GLY A 279 24.76 4.36 -4.03
N GLN A 280 25.64 3.65 -3.35
CA GLN A 280 26.48 2.64 -4.00
C GLN A 280 25.64 1.54 -4.66
N TYR A 281 24.52 1.21 -4.04
CA TYR A 281 23.60 0.24 -4.59
C TYR A 281 22.97 0.73 -5.85
N LEU A 282 22.56 2.00 -5.87
CA LEU A 282 21.98 2.58 -7.10
C LEU A 282 23.00 2.60 -8.21
N MET A 283 24.26 2.85 -7.87
CA MET A 283 25.27 2.93 -8.92
C MET A 283 25.58 1.53 -9.48
N ASN A 284 25.60 0.53 -8.60
CA ASN A 284 25.76 -0.84 -9.05
C ASN A 284 24.63 -1.33 -9.95
N LEU A 285 23.41 -0.91 -9.64
CA LEU A 285 22.27 -1.18 -10.55
C LEU A 285 22.48 -0.52 -11.91
N ALA A 286 22.97 0.73 -11.91
CA ALA A 286 23.26 1.41 -13.17
C ALA A 286 24.24 0.63 -14.03
N HIS A 287 25.15 -0.10 -13.38
CA HIS A 287 26.19 -0.86 -14.11
C HIS A 287 25.67 -2.24 -14.59
N ARG A 288 24.56 -2.71 -14.01
CA ARG A 288 23.94 -4.01 -14.38
C ARG A 288 23.60 -4.08 -15.88
#